data_5V01
#
_entry.id   5V01
#
_cell.length_a   38.452
_cell.length_b   90.433
_cell.length_c   44.126
_cell.angle_alpha   90.00
_cell.angle_beta   103.75
_cell.angle_gamma   90.00
#
_symmetry.space_group_name_H-M   'P 1 21 1'
#
loop_
_entity.id
_entity.type
_entity.pdbx_description
1 polymer 'Competence damage-inducible protein A'
2 non-polymer 'CHLORIDE ION'
3 non-polymer 'SODIUM ION'
4 water water
#
_entity_poly.entity_id   1
_entity_poly.type   'polypeptide(L)'
_entity_poly.pdbx_seq_one_letter_code
;SNAMTDEIDSDANNTHELTAEVARALIARGWRLTTAESCTGGNLAAALCAQADTAAFYDTGVVTFSDEAKRNVLQVRAET
LAVHSAVSEACVQEMSSGILALAGADIAIAVSGYAGPEGGEDGTPAGTVWFAWNFRGQTETKRMCFAGDCETVVAKAVRY
ALAALSEKLAHWQ
;
_entity_poly.pdbx_strand_id   A,B
#
loop_
_chem_comp.id
_chem_comp.type
_chem_comp.name
_chem_comp.formula
CL non-polymer 'CHLORIDE ION' 'Cl -1'
NA non-polymer 'SODIUM ION' 'Na 1'
#
# COMPACT_ATOMS: atom_id res chain seq x y z
N ASP A 6 20.16 18.14 3.54
CA ASP A 6 20.90 16.83 3.62
C ASP A 6 20.92 16.15 5.00
N GLU A 7 20.08 16.59 5.94
CA GLU A 7 19.69 15.76 7.09
C GLU A 7 18.46 14.93 6.74
N ILE A 8 17.52 15.54 6.02
CA ILE A 8 16.20 14.93 5.77
C ILE A 8 16.21 14.15 4.46
N ASP A 9 16.85 14.69 3.42
CA ASP A 9 17.03 13.97 2.13
C ASP A 9 18.47 13.50 2.03
N SER A 10 18.71 12.30 2.57
CA SER A 10 20.07 11.82 2.75
C SER A 10 20.12 10.31 2.67
N ASP A 11 21.06 9.81 1.87
CA ASP A 11 21.34 8.37 1.81
C ASP A 11 21.94 7.84 3.12
N ALA A 12 22.37 8.73 4.01
CA ALA A 12 22.79 8.38 5.36
C ALA A 12 21.63 8.04 6.31
N ASN A 13 20.39 8.28 5.90
CA ASN A 13 19.21 7.78 6.63
C ASN A 13 18.88 6.37 6.19
N ASN A 14 18.25 5.63 7.10
CA ASN A 14 17.85 4.27 6.84
C ASN A 14 16.34 4.14 7.14
N THR A 15 15.61 3.53 6.22
CA THR A 15 14.15 3.50 6.32
C THR A 15 13.61 2.79 7.59
N HIS A 16 14.15 1.62 7.97
N HIS A 16 14.15 1.62 7.97
CA HIS A 16 13.67 0.94 9.17
CA HIS A 16 13.68 0.93 9.18
C HIS A 16 14.05 1.70 10.45
C HIS A 16 14.04 1.70 10.45
N GLU A 17 15.24 2.30 10.48
CA GLU A 17 15.62 3.16 11.59
C GLU A 17 14.66 4.35 11.73
N LEU A 18 14.24 4.92 10.60
CA LEU A 18 13.28 6.03 10.61
C LEU A 18 11.92 5.60 11.08
N THR A 19 11.50 4.43 10.60
N THR A 19 11.42 4.43 10.64
CA THR A 19 10.23 3.91 10.98
CA THR A 19 10.09 4.01 11.12
C THR A 19 10.14 3.63 12.50
C THR A 19 10.11 3.68 12.61
N ALA A 20 11.24 3.21 13.10
CA ALA A 20 11.34 2.99 14.55
C ALA A 20 11.14 4.30 15.32
N GLU A 21 11.80 5.35 14.84
CA GLU A 21 11.71 6.64 15.49
C GLU A 21 10.30 7.22 15.36
N VAL A 22 9.73 7.06 14.16
CA VAL A 22 8.35 7.53 13.91
C VAL A 22 7.34 6.80 14.79
N ALA A 23 7.45 5.48 14.84
CA ALA A 23 6.56 4.68 15.69
C ALA A 23 6.59 5.14 17.14
N ARG A 24 7.78 5.31 17.71
N ARG A 24 7.77 5.33 17.70
CA ARG A 24 7.90 5.71 19.10
CA ARG A 24 7.86 5.73 19.10
C ARG A 24 7.24 7.06 19.37
C ARG A 24 7.19 7.06 19.35
N ALA A 25 7.45 8.01 18.47
CA ALA A 25 6.91 9.36 18.63
C ALA A 25 5.38 9.35 18.51
N LEU A 26 4.86 8.61 17.53
CA LEU A 26 3.40 8.48 17.40
C LEU A 26 2.78 7.82 18.64
N ILE A 27 3.37 6.71 19.07
CA ILE A 27 2.85 5.97 20.22
C ILE A 27 2.91 6.83 21.49
N ALA A 28 4.00 7.58 21.66
CA ALA A 28 4.15 8.47 22.83
C ALA A 28 3.04 9.52 22.91
N ARG A 29 2.52 9.94 21.75
CA ARG A 29 1.48 10.98 21.71
C ARG A 29 0.07 10.45 21.56
N GLY A 30 -0.07 9.14 21.30
CA GLY A 30 -1.35 8.52 21.04
C GLY A 30 -1.89 8.96 19.70
N TRP A 31 -1.00 9.21 18.74
CA TRP A 31 -1.40 9.61 17.39
C TRP A 31 -1.34 8.46 16.40
N ARG A 32 -2.21 8.54 15.39
CA ARG A 32 -2.29 7.53 14.36
C ARG A 32 -2.04 8.16 13.01
N LEU A 33 -1.33 7.42 12.19
CA LEU A 33 -0.87 7.83 10.87
C LEU A 33 -1.62 7.03 9.80
N THR A 34 -1.84 7.65 8.64
CA THR A 34 -2.39 6.98 7.45
C THR A 34 -1.65 7.50 6.22
N THR A 35 -1.70 6.74 5.15
CA THR A 35 -0.94 7.06 3.94
C THR A 35 -1.72 6.86 2.67
N ALA A 36 -1.43 7.72 1.69
CA ALA A 36 -1.99 7.60 0.34
C ALA A 36 -0.83 7.75 -0.64
N GLU A 37 -0.67 6.77 -1.53
CA GLU A 37 0.46 6.71 -2.45
C GLU A 37 0.00 6.51 -3.87
N SER A 38 0.84 6.93 -4.79
CA SER A 38 0.66 6.66 -6.19
C SER A 38 1.96 6.02 -6.70
N CYS A 39 2.92 6.82 -7.16
CA CYS A 39 4.18 6.32 -7.72
C CYS A 39 4.98 5.43 -6.77
N THR A 40 4.91 5.69 -5.46
CA THR A 40 5.66 4.88 -4.52
C THR A 40 5.04 3.49 -4.28
N GLY A 41 3.81 3.28 -4.77
CA GLY A 41 3.33 1.92 -5.02
C GLY A 41 2.90 1.09 -3.83
N GLY A 42 2.89 1.67 -2.62
CA GLY A 42 2.68 0.89 -1.42
C GLY A 42 3.94 0.67 -0.60
N ASN A 43 5.10 1.13 -1.11
CA ASN A 43 6.35 0.99 -0.35
C ASN A 43 6.39 1.82 0.93
N LEU A 44 5.65 2.94 0.96
CA LEU A 44 5.56 3.70 2.22
C LEU A 44 4.78 2.95 3.28
N ALA A 45 3.60 2.46 2.91
CA ALA A 45 2.83 1.58 3.79
C ALA A 45 3.70 0.40 4.22
N ALA A 46 4.44 -0.18 3.27
CA ALA A 46 5.21 -1.40 3.57
C ALA A 46 6.27 -1.13 4.63
N ALA A 47 6.89 0.04 4.57
CA ALA A 47 7.85 0.42 5.61
C ALA A 47 7.19 0.48 6.98
N LEU A 48 6.03 1.14 7.02
CA LEU A 48 5.30 1.28 8.27
C LEU A 48 4.78 -0.04 8.84
N CYS A 49 4.40 -0.96 7.95
CA CYS A 49 3.94 -2.28 8.35
C CYS A 49 5.07 -3.25 8.68
N ALA A 50 6.27 -2.99 8.20
CA ALA A 50 7.43 -3.81 8.56
C ALA A 50 7.81 -3.50 10.00
N GLN A 51 7.55 -2.27 10.43
CA GLN A 51 7.81 -1.86 11.82
C GLN A 51 7.01 -2.71 12.82
N ALA A 52 7.61 -3.13 13.93
CA ALA A 52 7.08 -4.23 14.78
C ALA A 52 5.71 -4.07 15.46
N ASP A 53 5.36 -2.84 15.79
CA ASP A 53 4.14 -2.60 16.57
C ASP A 53 3.20 -1.74 15.74
N THR A 54 3.12 -2.06 14.44
CA THR A 54 2.33 -1.27 13.49
C THR A 54 0.95 -0.87 13.99
N ALA A 55 0.22 -1.83 14.54
CA ALA A 55 -1.18 -1.59 14.92
C ALA A 55 -1.32 -0.53 16.01
N ALA A 56 -0.26 -0.27 16.76
CA ALA A 56 -0.26 0.76 17.78
C ALA A 56 -0.29 2.18 17.21
N PHE A 57 0.00 2.34 15.92
CA PHE A 57 0.04 3.68 15.32
C PHE A 57 -0.48 3.82 13.89
N TYR A 58 -0.84 2.71 13.23
CA TYR A 58 -1.16 2.73 11.79
C TYR A 58 -2.09 1.61 11.48
N ASP A 59 -3.11 1.89 10.69
CA ASP A 59 -3.85 0.76 10.15
C ASP A 59 -4.40 0.87 8.75
N THR A 60 -4.34 2.03 8.10
CA THR A 60 -4.89 2.18 6.76
C THR A 60 -3.92 2.87 5.80
N GLY A 61 -3.71 2.25 4.66
CA GLY A 61 -3.03 2.86 3.54
C GLY A 61 -3.77 2.57 2.26
N VAL A 62 -3.64 3.47 1.31
CA VAL A 62 -4.12 3.22 -0.04
C VAL A 62 -3.06 3.48 -1.07
N VAL A 63 -3.20 2.77 -2.21
CA VAL A 63 -2.41 2.99 -3.40
C VAL A 63 -3.42 3.30 -4.49
N THR A 64 -3.31 4.51 -5.04
CA THR A 64 -4.25 5.03 -6.05
C THR A 64 -3.38 5.48 -7.22
N PHE A 65 -3.13 4.56 -8.15
CA PHE A 65 -2.07 4.71 -9.17
C PHE A 65 -2.45 5.58 -10.38
N SER A 66 -3.75 5.82 -10.57
CA SER A 66 -4.31 6.54 -11.70
C SER A 66 -5.12 7.74 -11.19
N ASP A 67 -5.48 8.63 -12.11
CA ASP A 67 -6.34 9.76 -11.79
C ASP A 67 -7.70 9.23 -11.34
N GLU A 68 -8.24 8.22 -12.05
CA GLU A 68 -9.53 7.67 -11.69
C GLU A 68 -9.54 7.05 -10.28
N ALA A 69 -8.46 6.36 -9.91
CA ALA A 69 -8.39 5.79 -8.55
C ALA A 69 -8.37 6.91 -7.50
N LYS A 70 -7.67 8.01 -7.80
CA LYS A 70 -7.66 9.14 -6.89
C LYS A 70 -9.08 9.74 -6.68
N ARG A 71 -9.83 9.86 -7.77
CA ARG A 71 -11.22 10.37 -7.70
C ARG A 71 -12.08 9.39 -6.89
N ASN A 72 -11.96 8.10 -7.23
CA ASN A 72 -12.84 7.07 -6.68
C ASN A 72 -12.60 6.84 -5.17
N VAL A 73 -11.33 6.64 -4.82
CA VAL A 73 -10.98 6.24 -3.47
C VAL A 73 -10.84 7.43 -2.51
N LEU A 74 -10.32 8.54 -3.03
CA LEU A 74 -9.96 9.69 -2.19
C LEU A 74 -10.74 10.97 -2.43
N GLN A 75 -11.71 10.93 -3.35
CA GLN A 75 -12.57 12.08 -3.69
C GLN A 75 -11.75 13.27 -4.18
N VAL A 76 -10.60 13.01 -4.81
CA VAL A 76 -9.86 14.10 -5.46
C VAL A 76 -10.78 14.63 -6.55
N ARG A 77 -10.86 15.95 -6.65
CA ARG A 77 -11.74 16.59 -7.63
C ARG A 77 -11.24 16.40 -9.05
N ALA A 78 -12.16 16.12 -9.97
CA ALA A 78 -11.78 15.99 -11.39
C ALA A 78 -11.13 17.27 -11.90
N GLU A 79 -11.70 18.40 -11.49
N GLU A 79 -11.68 18.43 -11.51
CA GLU A 79 -11.22 19.72 -11.83
CA GLU A 79 -11.12 19.72 -11.96
C GLU A 79 -9.76 19.95 -11.40
C GLU A 79 -9.71 19.95 -11.42
N THR A 80 -9.43 19.47 -10.21
CA THR A 80 -8.06 19.58 -9.68
C THR A 80 -7.07 18.83 -10.56
N LEU A 81 -7.45 17.60 -10.91
CA LEU A 81 -6.60 16.80 -11.75
C LEU A 81 -6.49 17.37 -13.16
N ALA A 82 -7.60 17.90 -13.69
CA ALA A 82 -7.55 18.49 -15.05
C ALA A 82 -6.61 19.70 -15.15
N VAL A 83 -6.69 20.60 -14.15
CA VAL A 83 -5.92 21.84 -14.15
C VAL A 83 -4.47 21.63 -13.72
N HIS A 84 -4.28 20.85 -12.66
CA HIS A 84 -2.97 20.76 -12.01
C HIS A 84 -2.22 19.44 -12.24
N SER A 85 -2.93 18.41 -12.70
CA SER A 85 -2.42 17.04 -12.83
C SER A 85 -2.30 16.38 -11.47
N ALA A 86 -2.09 15.06 -11.50
CA ALA A 86 -1.92 14.31 -10.28
C ALA A 86 -0.59 14.59 -9.56
N VAL A 87 0.41 15.09 -10.29
CA VAL A 87 1.71 15.43 -9.70
C VAL A 87 1.71 16.92 -9.50
N SER A 88 1.17 17.31 -8.36
CA SER A 88 0.95 18.71 -8.03
C SER A 88 0.69 18.87 -6.56
N GLU A 89 0.96 20.09 -6.08
CA GLU A 89 0.57 20.48 -4.74
C GLU A 89 -0.92 20.25 -4.47
N ALA A 90 -1.79 20.70 -5.38
CA ALA A 90 -3.23 20.60 -5.14
C ALA A 90 -3.69 19.15 -5.02
N CYS A 91 -3.13 18.27 -5.84
CA CYS A 91 -3.51 16.87 -5.76
C CYS A 91 -3.06 16.24 -4.45
N VAL A 92 -1.81 16.44 -4.04
CA VAL A 92 -1.37 15.82 -2.78
C VAL A 92 -2.14 16.38 -1.58
N GLN A 93 -2.50 17.69 -1.64
CA GLN A 93 -3.38 18.23 -0.59
C GLN A 93 -4.69 17.45 -0.52
N GLU A 94 -5.34 17.28 -1.67
CA GLU A 94 -6.63 16.59 -1.68
C GLU A 94 -6.50 15.11 -1.34
N MET A 95 -5.43 14.47 -1.80
CA MET A 95 -5.17 13.06 -1.42
C MET A 95 -5.04 12.93 0.09
N SER A 96 -4.28 13.85 0.72
CA SER A 96 -4.03 13.78 2.15
C SER A 96 -5.33 13.99 2.93
N SER A 97 -6.17 14.93 2.47
CA SER A 97 -7.44 15.15 3.12
C SER A 97 -8.37 13.94 2.99
N GLY A 98 -8.40 13.34 1.80
CA GLY A 98 -9.25 12.21 1.57
C GLY A 98 -8.88 11.01 2.43
N ILE A 99 -7.59 10.73 2.54
CA ILE A 99 -7.17 9.58 3.37
C ILE A 99 -7.27 9.87 4.86
N LEU A 100 -7.02 11.12 5.26
CA LEU A 100 -7.19 11.48 6.67
C LEU A 100 -8.64 11.18 7.09
N ALA A 101 -9.60 11.59 6.25
CA ALA A 101 -11.03 11.39 6.52
C ALA A 101 -11.39 9.90 6.52
N LEU A 102 -10.94 9.16 5.51
CA LEU A 102 -11.26 7.74 5.42
C LEU A 102 -10.75 6.97 6.64
N ALA A 103 -9.49 7.21 7.01
CA ALA A 103 -8.85 6.49 8.13
C ALA A 103 -9.23 7.01 9.52
N GLY A 104 -9.74 8.23 9.62
CA GLY A 104 -10.00 8.84 10.95
C GLY A 104 -8.72 9.07 11.73
N ALA A 105 -7.63 9.28 11.01
CA ALA A 105 -6.31 9.38 11.58
C ALA A 105 -6.00 10.81 12.02
N ASP A 106 -4.90 10.96 12.75
CA ASP A 106 -4.41 12.26 13.15
C ASP A 106 -3.48 12.90 12.11
N ILE A 107 -2.70 12.06 11.43
CA ILE A 107 -1.73 12.50 10.45
C ILE A 107 -1.88 11.69 9.18
N ALA A 108 -1.86 12.36 8.03
CA ALA A 108 -1.89 11.72 6.71
C ALA A 108 -0.68 12.19 5.91
N ILE A 109 -0.02 11.25 5.26
CA ILE A 109 0.98 11.56 4.23
C ILE A 109 0.43 11.15 2.89
N ALA A 110 0.52 12.06 1.92
CA ALA A 110 0.29 11.73 0.51
C ALA A 110 1.54 12.00 -0.28
N VAL A 111 1.81 11.13 -1.26
CA VAL A 111 2.98 11.22 -2.12
C VAL A 111 2.50 10.97 -3.55
N SER A 112 2.86 11.86 -4.46
CA SER A 112 2.52 11.71 -5.88
C SER A 112 3.64 12.27 -6.72
N GLY A 113 4.16 11.48 -7.65
CA GLY A 113 5.29 11.89 -8.46
C GLY A 113 5.43 11.09 -9.74
N TYR A 114 6.49 11.42 -10.45
CA TYR A 114 6.94 10.68 -11.63
C TYR A 114 8.24 9.98 -11.23
N ALA A 115 8.15 8.68 -10.97
CA ALA A 115 9.33 7.91 -10.55
C ALA A 115 10.25 7.62 -11.72
N GLY A 116 9.67 7.51 -12.93
CA GLY A 116 10.45 7.32 -14.15
C GLY A 116 10.20 5.98 -14.82
N PRO A 117 10.82 5.75 -15.99
CA PRO A 117 11.79 6.67 -16.63
C PRO A 117 11.17 7.93 -17.26
N GLU A 118 9.89 7.88 -17.59
CA GLU A 118 9.22 9.00 -18.27
C GLU A 118 8.74 10.06 -17.27
N GLY A 119 8.71 11.30 -17.74
CA GLY A 119 8.17 12.43 -16.98
C GLY A 119 6.70 12.64 -17.28
N GLY A 120 6.22 13.84 -16.96
CA GLY A 120 4.84 14.23 -17.25
C GLY A 120 4.66 14.66 -18.68
N GLU A 121 3.42 14.61 -19.14
CA GLU A 121 3.04 15.15 -20.46
C GLU A 121 3.18 16.68 -20.49
N ASP A 122 3.05 17.32 -19.34
CA ASP A 122 3.30 18.77 -19.21
C ASP A 122 4.78 19.19 -19.12
N GLY A 123 5.71 18.23 -19.27
CA GLY A 123 7.15 18.51 -19.19
C GLY A 123 7.78 18.39 -17.82
N THR A 124 7.01 18.00 -16.80
CA THR A 124 7.58 17.80 -15.46
C THR A 124 8.65 16.70 -15.54
N PRO A 125 9.88 16.99 -15.07
CA PRO A 125 10.96 15.99 -15.16
C PRO A 125 10.70 14.72 -14.37
N ALA A 126 11.15 13.59 -14.91
CA ALA A 126 11.20 12.34 -14.16
C ALA A 126 11.99 12.57 -12.88
N GLY A 127 11.50 12.02 -11.79
CA GLY A 127 12.11 12.22 -10.49
C GLY A 127 11.42 13.26 -9.62
N THR A 128 10.48 14.02 -10.20
CA THR A 128 9.73 15.02 -9.47
C THR A 128 8.66 14.36 -8.61
N VAL A 129 8.67 14.65 -7.32
CA VAL A 129 7.73 14.05 -6.37
C VAL A 129 7.18 15.12 -5.43
N TRP A 130 5.87 15.19 -5.33
CA TRP A 130 5.17 16.03 -4.37
C TRP A 130 4.77 15.25 -3.11
N PHE A 131 4.91 15.90 -1.98
CA PHE A 131 4.59 15.38 -0.68
C PHE A 131 3.61 16.29 0.02
N ALA A 132 2.69 15.71 0.79
CA ALA A 132 1.86 16.44 1.75
C ALA A 132 1.88 15.73 3.09
N TRP A 133 2.06 16.49 4.17
CA TRP A 133 1.93 15.98 5.53
C TRP A 133 0.80 16.80 6.15
N ASN A 134 -0.27 16.13 6.53
CA ASN A 134 -1.50 16.74 6.99
C ASN A 134 -1.69 16.31 8.45
N PHE A 135 -1.52 17.27 9.38
CA PHE A 135 -1.69 17.02 10.80
C PHE A 135 -3.04 17.64 11.19
N ARG A 136 -4.05 16.80 11.36
CA ARG A 136 -5.38 17.21 11.83
C ARG A 136 -5.98 18.36 11.01
N GLY A 137 -5.71 18.38 9.70
CA GLY A 137 -6.02 19.55 8.85
C GLY A 137 -4.85 20.47 8.49
N GLN A 138 -3.85 20.62 9.36
CA GLN A 138 -2.78 21.57 9.07
C GLN A 138 -1.89 20.81 8.06
N THR A 139 -1.89 21.24 6.79
CA THR A 139 -1.14 20.57 5.68
C THR A 139 0.03 21.41 5.17
N GLU A 140 1.19 20.79 5.14
CA GLU A 140 2.37 21.35 4.52
C GLU A 140 2.73 20.49 3.33
N THR A 141 3.30 21.10 2.30
CA THR A 141 3.68 20.39 1.10
C THR A 141 5.12 20.67 0.72
N LYS A 142 5.68 19.80 -0.10
CA LYS A 142 7.04 19.95 -0.59
C LYS A 142 7.22 19.24 -1.90
N ARG A 143 7.85 19.91 -2.85
N ARG A 143 7.87 19.91 -2.84
CA ARG A 143 8.26 19.32 -4.13
CA ARG A 143 8.27 19.33 -4.12
C ARG A 143 9.74 18.97 -4.06
C ARG A 143 9.74 18.97 -4.07
N MET A 144 10.07 17.74 -4.42
CA MET A 144 11.46 17.26 -4.48
C MET A 144 11.76 16.76 -5.89
N CYS A 145 13.03 16.81 -6.33
N CYS A 145 13.05 16.75 -6.21
CA CYS A 145 13.43 16.13 -7.58
CA CYS A 145 13.57 16.19 -7.44
C CYS A 145 14.60 15.20 -7.28
C CYS A 145 14.59 15.17 -7.03
N PHE A 146 14.30 13.89 -7.26
CA PHE A 146 15.25 12.83 -6.90
C PHE A 146 15.92 12.28 -8.14
N ALA A 147 17.19 11.92 -7.99
CA ALA A 147 17.97 11.32 -9.07
C ALA A 147 17.92 9.80 -8.98
N GLY A 148 18.07 9.15 -10.13
CA GLY A 148 18.16 7.70 -10.19
C GLY A 148 17.07 7.11 -11.05
N ASP A 149 17.10 5.78 -11.17
CA ASP A 149 16.07 5.04 -11.86
C ASP A 149 14.81 5.00 -10.98
N CYS A 150 13.74 4.42 -11.50
N CYS A 150 13.78 4.38 -11.55
CA CYS A 150 12.46 4.48 -10.80
CA CYS A 150 12.47 4.34 -10.92
C CYS A 150 12.48 3.78 -9.43
C CYS A 150 12.51 3.79 -9.49
N GLU A 151 13.16 2.64 -9.34
CA GLU A 151 13.31 1.94 -8.06
C GLU A 151 13.99 2.82 -7.03
N THR A 152 15.04 3.52 -7.46
CA THR A 152 15.81 4.44 -6.61
C THR A 152 14.98 5.65 -6.18
N VAL A 153 14.28 6.27 -7.14
CA VAL A 153 13.42 7.40 -6.83
C VAL A 153 12.37 6.99 -5.78
N VAL A 154 11.75 5.84 -5.98
CA VAL A 154 10.76 5.37 -5.02
C VAL A 154 11.35 5.24 -3.61
N ALA A 155 12.51 4.59 -3.52
CA ALA A 155 13.13 4.35 -2.21
C ALA A 155 13.49 5.69 -1.55
N LYS A 156 14.04 6.61 -2.34
CA LYS A 156 14.36 7.95 -1.82
C LYS A 156 13.14 8.71 -1.34
N ALA A 157 12.05 8.58 -2.08
CA ALA A 157 10.82 9.30 -1.73
C ALA A 157 10.21 8.76 -0.45
N VAL A 158 10.21 7.45 -0.30
CA VAL A 158 9.73 6.84 0.93
C VAL A 158 10.58 7.30 2.13
N ARG A 159 11.90 7.26 1.98
N ARG A 159 11.90 7.26 1.97
CA ARG A 159 12.81 7.69 3.05
CA ARG A 159 12.82 7.69 3.02
C ARG A 159 12.58 9.16 3.39
C ARG A 159 12.59 9.16 3.38
N TYR A 160 12.41 10.01 2.37
CA TYR A 160 12.20 11.44 2.60
C TYR A 160 10.89 11.67 3.35
N ALA A 161 9.83 10.99 2.92
CA ALA A 161 8.54 11.14 3.59
C ALA A 161 8.64 10.85 5.08
N LEU A 162 9.37 9.78 5.40
CA LEU A 162 9.53 9.34 6.78
C LEU A 162 10.46 10.27 7.57
N ALA A 163 11.58 10.67 6.96
CA ALA A 163 12.54 11.55 7.65
C ALA A 163 11.87 12.88 7.96
N ALA A 164 11.11 13.41 7.00
CA ALA A 164 10.40 14.68 7.24
C ALA A 164 9.33 14.52 8.32
N LEU A 165 8.61 13.39 8.29
CA LEU A 165 7.64 13.10 9.32
C LEU A 165 8.30 13.04 10.71
N SER A 166 9.47 12.39 10.80
N SER A 166 9.45 12.39 10.81
CA SER A 166 10.21 12.28 12.07
CA SER A 166 10.13 12.30 12.10
C SER A 166 10.54 13.65 12.67
C SER A 166 10.50 13.67 12.68
N GLU A 167 10.96 14.56 11.79
CA GLU A 167 11.24 15.94 12.15
C GLU A 167 9.99 16.66 12.62
N LYS A 168 8.91 16.51 11.86
CA LYS A 168 7.67 17.17 12.21
C LYS A 168 7.08 16.71 13.53
N LEU A 169 7.22 15.43 13.83
CA LEU A 169 6.72 14.87 15.08
C LEU A 169 7.39 15.48 16.30
N ALA A 170 8.63 15.95 16.13
CA ALA A 170 9.37 16.57 17.23
C ALA A 170 8.87 17.99 17.58
N HIS A 171 7.92 18.53 16.78
CA HIS A 171 7.44 19.89 16.98
C HIS A 171 5.94 20.07 17.00
N TRP A 172 5.18 19.11 16.46
CA TRP A 172 3.74 19.27 16.39
C TRP A 172 3.08 19.22 17.73
N GLN A 173 2.02 20.03 17.86
CA GLN A 173 1.00 19.96 18.92
C GLN A 173 -0.31 20.68 18.41
N ASN B 13 9.90 -16.66 -11.88
CA ASN B 13 10.72 -17.27 -10.78
C ASN B 13 10.82 -16.31 -9.56
N ASN B 14 11.62 -15.23 -9.67
CA ASN B 14 11.67 -14.21 -8.58
C ASN B 14 10.46 -13.30 -8.66
N THR B 15 10.36 -12.34 -7.74
CA THR B 15 9.15 -11.50 -7.69
C THR B 15 8.93 -10.70 -8.98
N HIS B 16 9.97 -10.11 -9.52
CA HIS B 16 9.86 -9.32 -10.75
C HIS B 16 9.35 -10.19 -11.91
N GLU B 17 9.89 -11.40 -12.03
CA GLU B 17 9.49 -12.31 -13.13
C GLU B 17 8.04 -12.73 -12.99
N LEU B 18 7.63 -13.08 -11.79
CA LEU B 18 6.24 -13.46 -11.49
C LEU B 18 5.29 -12.35 -11.82
N THR B 19 5.67 -11.14 -11.45
N THR B 19 5.64 -11.12 -11.43
CA THR B 19 4.82 -10.00 -11.66
CA THR B 19 4.74 -9.99 -11.70
C THR B 19 4.70 -9.69 -13.15
C THR B 19 4.67 -9.74 -13.19
N ALA B 20 5.81 -9.84 -13.90
CA ALA B 20 5.78 -9.66 -15.33
C ALA B 20 4.90 -10.69 -16.04
N GLU B 21 4.95 -11.94 -15.58
CA GLU B 21 4.10 -12.99 -16.12
C GLU B 21 2.61 -12.73 -15.85
N VAL B 22 2.28 -12.28 -14.66
CA VAL B 22 0.91 -11.88 -14.33
C VAL B 22 0.47 -10.75 -15.24
N ALA B 23 1.28 -9.70 -15.35
CA ALA B 23 0.92 -8.54 -16.16
C ALA B 23 0.62 -8.93 -17.59
N ARG B 24 1.54 -9.68 -18.20
CA ARG B 24 1.36 -10.03 -19.60
C ARG B 24 0.07 -10.82 -19.79
N ALA B 25 -0.21 -11.75 -18.86
CA ALA B 25 -1.41 -12.56 -18.98
C ALA B 25 -2.69 -11.75 -18.82
N LEU B 26 -2.71 -10.87 -17.83
CA LEU B 26 -3.88 -10.01 -17.58
C LEU B 26 -4.10 -9.04 -18.72
N ILE B 27 -3.03 -8.42 -19.19
CA ILE B 27 -3.18 -7.45 -20.27
C ILE B 27 -3.70 -8.14 -21.53
N ALA B 28 -3.20 -9.33 -21.82
CA ALA B 28 -3.67 -10.09 -23.01
C ALA B 28 -5.16 -10.39 -22.96
N ARG B 29 -5.69 -10.64 -21.76
N ARG B 29 -5.68 -10.63 -21.76
CA ARG B 29 -7.12 -10.93 -21.58
CA ARG B 29 -7.10 -10.93 -21.55
C ARG B 29 -7.98 -9.67 -21.37
C ARG B 29 -7.97 -9.68 -21.37
N GLY B 30 -7.35 -8.52 -21.17
CA GLY B 30 -8.05 -7.30 -20.83
C GLY B 30 -8.68 -7.33 -19.44
N TRP B 31 -8.04 -8.05 -18.52
CA TRP B 31 -8.51 -8.18 -17.14
C TRP B 31 -7.76 -7.21 -16.24
N ARG B 32 -8.46 -6.74 -15.22
CA ARG B 32 -7.87 -5.83 -14.25
C ARG B 32 -7.91 -6.43 -12.85
N LEU B 33 -6.86 -6.13 -12.10
CA LEU B 33 -6.58 -6.66 -10.79
C LEU B 33 -6.68 -5.56 -9.74
N THR B 34 -7.05 -5.93 -8.52
CA THR B 34 -6.95 -5.07 -7.35
C THR B 34 -6.51 -5.90 -6.15
N THR B 35 -6.03 -5.24 -5.09
CA THR B 35 -5.46 -5.95 -3.95
C THR B 35 -5.87 -5.36 -2.61
N ALA B 36 -6.04 -6.22 -1.62
CA ALA B 36 -6.28 -5.82 -0.24
C ALA B 36 -5.35 -6.61 0.64
N GLU B 37 -4.52 -5.90 1.42
CA GLU B 37 -3.45 -6.53 2.20
C GLU B 37 -3.58 -6.15 3.67
N SER B 38 -3.14 -7.05 4.53
N SER B 38 -3.17 -7.05 4.55
CA SER B 38 -2.99 -6.75 5.94
CA SER B 38 -2.94 -6.70 5.95
C SER B 38 -1.49 -6.93 6.26
C SER B 38 -1.46 -6.91 6.27
N CYS B 39 -1.08 -8.12 6.64
CA CYS B 39 0.28 -8.41 7.07
C CYS B 39 1.34 -8.12 6.04
N THR B 40 1.03 -8.25 4.74
CA THR B 40 2.03 -8.00 3.71
C THR B 40 2.25 -6.51 3.44
N GLY B 41 1.41 -5.65 4.02
CA GLY B 41 1.77 -4.25 4.26
C GLY B 41 1.82 -3.33 3.07
N GLY B 42 1.37 -3.79 1.90
CA GLY B 42 1.53 -3.02 0.69
C GLY B 42 2.64 -3.51 -0.22
N ASN B 43 3.35 -4.57 0.19
CA ASN B 43 4.38 -5.13 -0.69
C ASN B 43 3.79 -5.83 -1.93
N LEU B 44 2.56 -6.34 -1.85
CA LEU B 44 1.97 -6.92 -3.06
C LEU B 44 1.64 -5.82 -4.08
N ALA B 45 1.01 -4.74 -3.60
CA ALA B 45 0.81 -3.54 -4.42
C ALA B 45 2.13 -3.09 -5.02
N ALA B 46 3.16 -3.03 -4.16
CA ALA B 46 4.45 -2.51 -4.60
C ALA B 46 5.05 -3.30 -5.75
N ALA B 47 4.89 -4.62 -5.70
CA ALA B 47 5.39 -5.46 -6.80
C ALA B 47 4.65 -5.11 -8.09
N LEU B 48 3.34 -4.93 -8.01
CA LEU B 48 2.54 -4.65 -9.19
C LEU B 48 2.85 -3.26 -9.75
N CYS B 49 3.11 -2.30 -8.86
CA CYS B 49 3.43 -0.93 -9.29
C CYS B 49 4.83 -0.81 -9.84
N ALA B 50 5.73 -1.73 -9.44
CA ALA B 50 7.10 -1.78 -9.98
C ALA B 50 7.13 -2.30 -11.41
N GLN B 51 6.13 -3.11 -11.76
N GLN B 51 6.14 -3.11 -11.75
CA GLN B 51 5.97 -3.58 -13.12
CA GLN B 51 5.97 -3.57 -13.13
C GLN B 51 5.76 -2.35 -14.09
C GLN B 51 5.76 -2.34 -14.09
N ALA B 52 6.31 -2.61 -15.30
CA ALA B 52 6.49 -1.60 -16.35
C ALA B 52 5.20 -0.99 -16.87
N ASP B 53 4.16 -1.83 -16.89
CA ASP B 53 2.88 -1.54 -17.56
C ASP B 53 1.70 -1.57 -16.56
N THR B 54 1.96 -1.15 -15.33
CA THR B 54 0.97 -1.25 -14.23
C THR B 54 -0.43 -0.79 -14.63
N ALA B 55 -0.53 0.42 -15.19
CA ALA B 55 -1.84 1.04 -15.44
C ALA B 55 -2.68 0.28 -16.44
N ALA B 56 -2.04 -0.58 -17.25
CA ALA B 56 -2.77 -1.41 -18.20
C ALA B 56 -3.58 -2.51 -17.51
N PHE B 57 -3.36 -2.78 -16.21
CA PHE B 57 -4.10 -3.83 -15.51
C PHE B 57 -4.38 -3.61 -14.03
N TYR B 58 -3.91 -2.49 -13.45
CA TYR B 58 -3.99 -2.29 -12.00
C TYR B 58 -3.96 -0.81 -11.65
N ASP B 59 -4.82 -0.36 -10.75
CA ASP B 59 -4.65 0.98 -10.22
C ASP B 59 -5.00 1.18 -8.75
N THR B 60 -5.53 0.16 -8.07
CA THR B 60 -6.05 0.36 -6.72
C THR B 60 -5.60 -0.78 -5.79
N GLY B 61 -4.95 -0.41 -4.71
CA GLY B 61 -4.64 -1.32 -3.64
C GLY B 61 -4.94 -0.70 -2.30
N VAL B 62 -5.34 -1.50 -1.32
CA VAL B 62 -5.48 -1.01 0.05
C VAL B 62 -4.66 -1.85 0.99
N VAL B 63 -4.29 -1.24 2.11
CA VAL B 63 -3.66 -1.87 3.25
C VAL B 63 -4.57 -1.61 4.43
N THR B 64 -5.14 -2.66 5.00
CA THR B 64 -6.08 -2.58 6.11
C THR B 64 -5.56 -3.47 7.22
N PHE B 65 -4.72 -2.89 8.09
CA PHE B 65 -3.90 -3.66 9.02
C PHE B 65 -4.62 -4.14 10.27
N SER B 66 -5.69 -3.43 10.63
CA SER B 66 -6.46 -3.69 11.84
C SER B 66 -7.90 -4.07 11.55
N ASP B 67 -8.60 -4.53 12.57
CA ASP B 67 -9.99 -4.94 12.40
C ASP B 67 -10.83 -3.72 11.98
N GLU B 68 -10.59 -2.57 12.62
CA GLU B 68 -11.35 -1.36 12.27
C GLU B 68 -11.15 -0.97 10.79
N ALA B 69 -9.90 -1.05 10.30
CA ALA B 69 -9.66 -0.72 8.92
C ALA B 69 -10.39 -1.68 7.97
N LYS B 70 -10.37 -2.97 8.30
CA LYS B 70 -11.10 -3.94 7.48
C LYS B 70 -12.58 -3.65 7.45
N ARG B 71 -13.18 -3.37 8.62
CA ARG B 71 -14.61 -3.01 8.67
C ARG B 71 -14.89 -1.72 7.88
N ASN B 72 -14.07 -0.70 8.13
CA ASN B 72 -14.33 0.64 7.60
C ASN B 72 -14.09 0.74 6.09
N VAL B 73 -12.95 0.22 5.63
CA VAL B 73 -12.56 0.35 4.24
C VAL B 73 -13.21 -0.71 3.34
N LEU B 74 -13.36 -1.93 3.87
CA LEU B 74 -13.76 -3.07 3.06
C LEU B 74 -15.08 -3.71 3.44
N GLN B 75 -15.74 -3.17 4.45
CA GLN B 75 -17.06 -3.68 4.90
C GLN B 75 -17.01 -5.11 5.40
N VAL B 76 -15.85 -5.52 5.90
CA VAL B 76 -15.78 -6.81 6.56
C VAL B 76 -16.67 -6.75 7.78
N ARG B 77 -17.45 -7.80 8.00
CA ARG B 77 -18.44 -7.79 9.08
C ARG B 77 -17.79 -7.90 10.45
N ALA B 78 -18.31 -7.11 11.40
CA ALA B 78 -17.83 -7.17 12.78
C ALA B 78 -17.96 -8.57 13.34
N GLU B 79 -19.08 -9.24 13.06
CA GLU B 79 -19.29 -10.57 13.59
C GLU B 79 -18.26 -11.56 13.05
N THR B 80 -17.90 -11.42 11.77
CA THR B 80 -16.90 -12.28 11.17
C THR B 80 -15.57 -12.16 11.89
N LEU B 81 -15.15 -10.92 12.13
CA LEU B 81 -13.89 -10.69 12.81
C LEU B 81 -13.92 -11.20 14.26
N ALA B 82 -15.04 -10.99 14.94
CA ALA B 82 -15.12 -11.43 16.34
C ALA B 82 -15.14 -12.95 16.46
N VAL B 83 -15.76 -13.65 15.53
CA VAL B 83 -15.90 -15.10 15.60
C VAL B 83 -14.69 -15.85 15.00
N HIS B 84 -14.20 -15.36 13.87
CA HIS B 84 -13.15 -16.05 13.08
C HIS B 84 -11.78 -15.42 13.15
N SER B 85 -11.70 -14.18 13.61
CA SER B 85 -10.49 -13.35 13.58
C SER B 85 -10.17 -12.84 12.19
N ALA B 86 -9.28 -11.85 12.14
CA ALA B 86 -8.81 -11.32 10.88
C ALA B 86 -7.98 -12.30 10.07
N VAL B 87 -7.36 -13.27 10.73
CA VAL B 87 -6.59 -14.29 10.03
C VAL B 87 -7.47 -15.52 9.92
N SER B 88 -8.27 -15.53 8.85
CA SER B 88 -9.26 -16.56 8.64
C SER B 88 -9.69 -16.55 7.20
N GLU B 89 -10.24 -17.69 6.78
CA GLU B 89 -10.85 -17.81 5.47
C GLU B 89 -11.99 -16.80 5.27
N ALA B 90 -12.85 -16.70 6.27
CA ALA B 90 -14.00 -15.78 6.16
C ALA B 90 -13.56 -14.35 6.00
N CYS B 91 -12.53 -13.94 6.75
CA CYS B 91 -12.04 -12.58 6.60
C CYS B 91 -11.50 -12.32 5.19
N VAL B 92 -10.65 -13.20 4.67
CA VAL B 92 -10.08 -12.91 3.33
C VAL B 92 -11.14 -12.96 2.25
N GLN B 93 -12.14 -13.84 2.41
CA GLN B 93 -13.25 -13.84 1.46
C GLN B 93 -13.92 -12.44 1.45
N GLU B 94 -14.26 -11.94 2.63
CA GLU B 94 -14.93 -10.65 2.73
C GLU B 94 -14.04 -9.49 2.29
N MET B 95 -12.75 -9.55 2.62
CA MET B 95 -11.83 -8.52 2.13
C MET B 95 -11.80 -8.50 0.62
N SER B 96 -11.73 -9.68 0.02
CA SER B 96 -11.66 -9.75 -1.46
C SER B 96 -12.92 -9.18 -2.10
N SER B 97 -14.09 -9.49 -1.52
CA SER B 97 -15.35 -8.97 -2.05
C SER B 97 -15.39 -7.45 -1.91
N GLY B 98 -14.92 -6.92 -0.78
CA GLY B 98 -14.95 -5.51 -0.55
C GLY B 98 -14.07 -4.74 -1.53
N ILE B 99 -12.85 -5.24 -1.77
CA ILE B 99 -11.97 -4.52 -2.67
C ILE B 99 -12.37 -4.69 -4.14
N LEU B 100 -12.89 -5.87 -4.50
CA LEU B 100 -13.39 -6.08 -5.86
C LEU B 100 -14.44 -5.01 -6.15
N ALA B 101 -15.36 -4.80 -5.19
CA ALA B 101 -16.46 -3.86 -5.36
C ALA B 101 -15.96 -2.41 -5.43
N LEU B 102 -15.02 -2.06 -4.55
CA LEU B 102 -14.49 -0.71 -4.52
C LEU B 102 -13.79 -0.36 -5.83
N ALA B 103 -12.97 -1.29 -6.34
CA ALA B 103 -12.13 -1.00 -7.50
C ALA B 103 -12.76 -1.25 -8.85
N GLY B 104 -13.86 -2.00 -8.89
CA GLY B 104 -14.46 -2.39 -10.16
C GLY B 104 -13.55 -3.24 -11.03
N ALA B 105 -12.76 -4.08 -10.38
CA ALA B 105 -11.84 -4.94 -11.04
C ALA B 105 -12.48 -6.29 -11.41
N ASP B 106 -11.74 -7.05 -12.21
CA ASP B 106 -12.10 -8.44 -12.54
C ASP B 106 -11.65 -9.42 -11.47
N ILE B 107 -10.46 -9.16 -10.92
CA ILE B 107 -9.82 -10.07 -9.97
C ILE B 107 -9.37 -9.26 -8.75
N ALA B 108 -9.69 -9.80 -7.58
CA ALA B 108 -9.21 -9.27 -6.31
C ALA B 108 -8.40 -10.32 -5.58
N ILE B 109 -7.26 -9.91 -5.05
CA ILE B 109 -6.49 -10.73 -4.13
C ILE B 109 -6.55 -10.11 -2.74
N ALA B 110 -6.88 -10.91 -1.74
CA ALA B 110 -6.79 -10.49 -0.35
C ALA B 110 -5.85 -11.40 0.40
N VAL B 111 -5.04 -10.81 1.28
CA VAL B 111 -4.04 -11.55 2.04
C VAL B 111 -4.10 -11.10 3.51
N SER B 112 -4.22 -12.04 4.43
CA SER B 112 -4.23 -11.71 5.86
C SER B 112 -3.54 -12.80 6.65
N GLY B 113 -2.62 -12.43 7.54
CA GLY B 113 -1.83 -13.43 8.24
C GLY B 113 -1.08 -12.87 9.43
N TYR B 114 -0.25 -13.75 10.01
CA TYR B 114 0.67 -13.41 11.10
C TYR B 114 2.07 -13.51 10.58
N ALA B 115 2.69 -12.38 10.25
CA ALA B 115 4.05 -12.42 9.73
C ALA B 115 5.07 -12.85 10.77
N GLY B 116 4.78 -12.59 12.04
CA GLY B 116 5.67 -12.90 13.13
C GLY B 116 6.38 -11.68 13.68
N PRO B 117 7.16 -11.87 14.74
CA PRO B 117 7.48 -13.18 15.33
C PRO B 117 6.35 -13.88 16.14
N GLU B 118 5.37 -13.10 16.59
CA GLU B 118 4.23 -13.62 17.33
C GLU B 118 3.21 -14.27 16.40
N GLY B 119 2.53 -15.29 16.93
CA GLY B 119 1.37 -15.87 16.29
C GLY B 119 0.11 -15.21 16.81
N GLY B 120 -1.02 -15.86 16.61
CA GLY B 120 -2.30 -15.35 17.10
C GLY B 120 -2.51 -15.64 18.58
N GLU B 121 -3.30 -14.78 19.22
CA GLU B 121 -3.81 -15.03 20.60
C GLU B 121 -4.49 -16.39 20.75
N ASP B 122 -5.21 -16.79 19.69
N ASP B 122 -5.21 -16.84 19.72
CA ASP B 122 -5.87 -18.09 19.64
CA ASP B 122 -5.85 -18.15 19.75
C ASP B 122 -4.93 -19.29 19.39
C ASP B 122 -4.93 -19.30 19.39
N GLY B 123 -3.61 -19.07 19.39
CA GLY B 123 -2.63 -20.12 19.12
C GLY B 123 -2.27 -20.36 17.67
N THR B 124 -2.87 -19.62 16.73
CA THR B 124 -2.46 -19.73 15.33
C THR B 124 -0.96 -19.45 15.21
N PRO B 125 -0.21 -20.34 14.56
CA PRO B 125 1.24 -20.09 14.53
C PRO B 125 1.67 -18.92 13.67
N ALA B 126 2.74 -18.28 14.10
CA ALA B 126 3.44 -17.30 13.27
C ALA B 126 3.78 -17.91 11.93
N GLY B 127 3.63 -17.09 10.89
CA GLY B 127 3.81 -17.52 9.52
C GLY B 127 2.54 -17.99 8.82
N THR B 128 1.43 -18.10 9.55
CA THR B 128 0.15 -18.47 8.93
C THR B 128 -0.39 -17.31 8.13
N VAL B 129 -0.70 -17.57 6.87
CA VAL B 129 -1.29 -16.55 5.97
C VAL B 129 -2.44 -17.16 5.18
N TRP B 130 -3.58 -16.47 5.21
CA TRP B 130 -4.73 -16.77 4.38
C TRP B 130 -4.72 -15.91 3.13
N PHE B 131 -5.14 -16.53 2.02
CA PHE B 131 -5.25 -15.91 0.72
C PHE B 131 -6.65 -16.12 0.16
N ALA B 132 -7.15 -15.12 -0.55
CA ALA B 132 -8.33 -15.26 -1.39
C ALA B 132 -8.02 -14.68 -2.75
N TRP B 133 -8.43 -15.39 -3.79
CA TRP B 133 -8.40 -14.93 -5.17
C TRP B 133 -9.84 -14.95 -5.67
N ASN B 134 -10.39 -13.77 -5.93
CA ASN B 134 -11.80 -13.59 -6.27
C ASN B 134 -11.89 -13.10 -7.71
N PHE B 135 -12.39 -13.97 -8.59
CA PHE B 135 -12.60 -13.66 -10.00
C PHE B 135 -14.08 -13.38 -10.19
N ARG B 136 -14.45 -12.11 -10.30
CA ARG B 136 -15.83 -11.74 -10.63
C ARG B 136 -16.84 -12.34 -9.68
N GLY B 137 -16.46 -12.49 -8.41
CA GLY B 137 -17.36 -13.02 -7.41
C GLY B 137 -17.22 -14.51 -7.14
N GLN B 138 -16.35 -15.22 -7.91
CA GLN B 138 -16.04 -16.63 -7.65
C GLN B 138 -14.68 -16.65 -6.90
N THR B 139 -14.68 -17.09 -5.64
CA THR B 139 -13.50 -16.97 -4.80
C THR B 139 -12.93 -18.31 -4.41
N GLU B 140 -11.61 -18.40 -4.56
CA GLU B 140 -10.84 -19.56 -4.10
C GLU B 140 -9.91 -19.08 -2.99
N THR B 141 -9.63 -19.95 -2.05
CA THR B 141 -8.83 -19.62 -0.88
C THR B 141 -7.77 -20.64 -0.61
N LYS B 142 -6.77 -20.23 0.18
CA LYS B 142 -5.70 -21.15 0.63
C LYS B 142 -5.07 -20.60 1.90
N ARG B 143 -4.77 -21.48 2.84
CA ARG B 143 -3.94 -21.18 3.99
C ARG B 143 -2.55 -21.72 3.76
N MET B 144 -1.53 -20.91 3.98
CA MET B 144 -0.14 -21.35 3.98
C MET B 144 0.49 -21.07 5.35
N CYS B 145 1.56 -21.81 5.65
CA CYS B 145 2.34 -21.59 6.86
C CYS B 145 3.78 -21.46 6.44
N CSO B 145 1.53 -21.85 5.71
CA CSO B 145 2.39 -21.56 6.87
CB CSO B 145 2.32 -22.67 7.88
SG CSO B 145 3.24 -22.35 9.36
C CSO B 145 3.76 -21.46 6.31
O CSO B 145 4.35 -22.44 5.84
OD CSO B 145 4.26 -20.95 9.62
N PHE B 146 4.28 -20.24 6.31
CA PHE B 146 5.61 -19.97 5.79
C PHE B 146 6.65 -19.97 6.91
N ALA B 147 7.79 -20.54 6.61
CA ALA B 147 8.93 -20.50 7.48
C ALA B 147 9.74 -19.21 7.22
N GLY B 148 10.40 -18.72 8.26
CA GLY B 148 11.30 -17.58 8.13
C GLY B 148 10.95 -16.48 9.09
N ASP B 149 11.83 -15.49 9.11
CA ASP B 149 11.57 -14.24 9.82
C ASP B 149 10.39 -13.49 9.17
N CYS B 150 9.91 -12.47 9.85
CA CYS B 150 8.72 -11.75 9.43
C CYS B 150 8.87 -11.14 8.05
N GLU B 151 10.04 -10.62 7.68
CA GLU B 151 10.18 -10.01 6.36
C GLU B 151 10.21 -11.08 5.28
N THR B 152 10.80 -12.23 5.59
CA THR B 152 10.81 -13.36 4.68
C THR B 152 9.41 -13.95 4.48
N VAL B 153 8.65 -14.07 5.56
CA VAL B 153 7.24 -14.48 5.45
C VAL B 153 6.47 -13.58 4.50
N VAL B 154 6.62 -12.28 4.68
CA VAL B 154 5.92 -11.34 3.82
C VAL B 154 6.33 -11.53 2.36
N ALA B 155 7.62 -11.65 2.11
CA ALA B 155 8.11 -11.81 0.74
C ALA B 155 7.59 -13.12 0.12
N LYS B 156 7.61 -14.20 0.89
CA LYS B 156 7.08 -15.46 0.42
C LYS B 156 5.57 -15.38 0.14
N ALA B 157 4.84 -14.67 1.01
CA ALA B 157 3.40 -14.51 0.81
C ALA B 157 3.07 -13.72 -0.46
N VAL B 158 3.84 -12.68 -0.73
CA VAL B 158 3.64 -11.88 -1.95
C VAL B 158 3.88 -12.77 -3.17
N ARG B 159 4.98 -13.52 -3.16
N ARG B 159 4.99 -13.51 -3.15
CA ARG B 159 5.26 -14.41 -4.28
CA ARG B 159 5.30 -14.45 -4.23
C ARG B 159 4.22 -15.51 -4.43
C ARG B 159 4.21 -15.48 -4.42
N TYR B 160 3.72 -16.04 -3.32
CA TYR B 160 2.67 -17.09 -3.38
C TYR B 160 1.40 -16.55 -4.01
N ALA B 161 1.03 -15.33 -3.59
CA ALA B 161 -0.18 -14.72 -4.13
C ALA B 161 -0.10 -14.60 -5.65
N LEU B 162 1.05 -14.16 -6.15
CA LEU B 162 1.28 -13.94 -7.58
C LEU B 162 1.38 -15.27 -8.34
N ALA B 163 2.16 -16.22 -7.81
CA ALA B 163 2.32 -17.51 -8.48
C ALA B 163 1.00 -18.25 -8.57
N ALA B 164 0.20 -18.22 -7.52
CA ALA B 164 -1.08 -18.88 -7.54
C ALA B 164 -2.03 -18.19 -8.52
N LEU B 165 -1.99 -16.86 -8.58
CA LEU B 165 -2.79 -16.15 -9.55
C LEU B 165 -2.42 -16.61 -10.96
N SER B 166 -1.11 -16.67 -11.25
N SER B 166 -1.13 -16.70 -11.27
CA SER B 166 -0.61 -17.12 -12.55
CA SER B 166 -0.75 -17.13 -12.61
C SER B 166 -1.18 -18.51 -12.90
C SER B 166 -1.25 -18.54 -12.92
N GLU B 167 -1.19 -19.42 -11.92
CA GLU B 167 -1.70 -20.79 -12.10
C GLU B 167 -3.22 -20.82 -12.34
N LYS B 168 -3.95 -19.97 -11.62
CA LYS B 168 -5.41 -19.94 -11.69
C LYS B 168 -5.96 -19.33 -12.95
N LEU B 169 -5.17 -18.50 -13.66
CA LEU B 169 -5.73 -17.80 -14.83
C LEU B 169 -6.36 -18.77 -15.81
N ALA B 170 -5.66 -19.88 -16.08
CA ALA B 170 -6.13 -20.93 -17.00
C ALA B 170 -7.61 -21.33 -16.86
N HIS B 171 -8.02 -21.71 -15.66
CA HIS B 171 -9.39 -22.21 -15.43
C HIS B 171 -10.46 -21.10 -15.41
N TRP B 172 -10.02 -19.85 -15.30
CA TRP B 172 -10.91 -18.70 -15.49
C TRP B 172 -10.98 -18.34 -16.99
N GLN B 173 -12.03 -17.60 -17.33
CA GLN B 173 -12.18 -16.92 -18.63
C GLN B 173 -13.56 -16.31 -18.63
CL CL C . 7.07 -0.37 -6.28
CL CL D . -15.30 21.17 -8.43
NA NA E . 10.58 12.71 15.82
CL CL F . -2.30 -7.20 10.26
CL CL G . 10.30 -10.87 -17.01
CL CL H . -19.77 -17.69 11.35
CL CL I . -16.40 -2.04 -0.99
CL CL J . -3.37 -14.53 -21.07
CL CL K . -15.96 -8.24 -11.21
CL CL L . -10.56 -12.28 -22.14
CL CL M . -6.22 -24.21 2.80
NA NA N . 4.86 0.27 -12.95
#